data_6GNB
#
_entry.id   6GNB
#
_cell.length_a   83.221
_cell.length_b   40.942
_cell.length_c   81.093
_cell.angle_alpha   90.00
_cell.angle_beta   103.76
_cell.angle_gamma   90.00
#
_symmetry.space_group_name_H-M   'C 1 2 1'
#
loop_
_entity.id
_entity.type
_entity.pdbx_description
1 polymer 'Thioredoxin reductase'
2 non-polymer 'FLAVIN-ADENINE DINUCLEOTIDE'
3 non-polymer 'TRIETHYLENE GLYCOL'
4 non-polymer DI(HYDROXYETHYL)ETHER
5 non-polymer 'ACETATE ION'
6 water water
#
_entity_poly.entity_id   1
_entity_poly.type   'polypeptide(L)'
_entity_poly.pdbx_seq_one_letter_code
;GSHMERYDIAIIGSGPAGLASAINAKTRNKSVIVFGSSDLSKKLTLAPVINNYLGFYGIRGAELQEKFKEHIDNMGIQIE
NVKVNNIYAMGEYFSIMTSKDTYEASKVILAMGMEHTKPLKGEDKFLGRGVGYCATCDAPLYKGKIVTIVGYNKEAESEA
NYLAELASKVYYVPRYKDEYQLVSAVEIVKDVPVEIVGDKKVEKLKLKSRELETDGVFVLKDSAPPEQLVPGLYVEDGHI
KVNRKMETNIDGCYAAGDCTGKPYQYMKAVGEGQVAALNAVEKLYTKA
;
_entity_poly.pdbx_strand_id   A
#
loop_
_chem_comp.id
_chem_comp.type
_chem_comp.name
_chem_comp.formula
ACT non-polymer 'ACETATE ION' 'C2 H3 O2 -1'
FAD non-polymer 'FLAVIN-ADENINE DINUCLEOTIDE' 'C27 H33 N9 O15 P2'
PEG non-polymer DI(HYDROXYETHYL)ETHER 'C4 H10 O3'
PGE non-polymer 'TRIETHYLENE GLYCOL' 'C6 H14 O4'
#
# COMPACT_ATOMS: atom_id res chain seq x y z
N HIS A 3 -1.57 13.05 -17.02
CA HIS A 3 -0.45 12.55 -17.86
C HIS A 3 0.60 11.88 -16.97
N MET A 4 1.88 12.11 -17.27
CA MET A 4 2.96 11.62 -16.44
C MET A 4 3.73 12.80 -15.86
N GLU A 5 4.24 12.61 -14.65
CA GLU A 5 5.03 13.60 -13.95
C GLU A 5 6.28 12.91 -13.42
N ARG A 6 7.41 13.60 -13.47
CA ARG A 6 8.67 13.08 -12.99
C ARG A 6 9.08 13.80 -11.70
N TYR A 7 9.65 13.04 -10.76
CA TYR A 7 10.13 13.57 -9.49
C TYR A 7 11.47 12.93 -9.17
N ASP A 8 12.28 13.62 -8.35
CA ASP A 8 13.55 13.04 -7.95
C ASP A 8 13.36 11.91 -6.95
N ILE A 9 12.47 12.10 -5.98
CA ILE A 9 12.22 11.09 -4.95
C ILE A 9 10.72 10.86 -4.84
N ALA A 10 10.31 9.59 -4.83
CA ALA A 10 8.95 9.19 -4.53
C ALA A 10 8.94 8.39 -3.24
N ILE A 11 8.06 8.79 -2.32
CA ILE A 11 7.90 8.15 -1.03
C ILE A 11 6.57 7.41 -1.06
N ILE A 12 6.60 6.11 -0.80
CA ILE A 12 5.42 5.25 -0.93
C ILE A 12 4.87 5.00 0.47
N GLY A 13 4.04 5.91 0.92
CA GLY A 13 3.43 5.82 2.25
C GLY A 13 3.52 7.15 2.98
N SER A 14 2.48 7.43 3.78
CA SER A 14 2.26 8.71 4.42
C SER A 14 2.20 8.59 5.94
N GLY A 15 2.67 7.47 6.48
CA GLY A 15 2.73 7.29 7.90
C GLY A 15 4.01 7.87 8.46
N PRO A 16 4.29 7.57 9.73
CA PRO A 16 5.52 8.05 10.38
C PRO A 16 6.77 7.94 9.52
N ALA A 17 7.02 6.77 8.93
CA ALA A 17 8.23 6.58 8.13
C ALA A 17 8.24 7.49 6.90
N GLY A 18 7.16 7.50 6.13
CA GLY A 18 7.15 8.32 4.94
C GLY A 18 7.22 9.81 5.22
N LEU A 19 6.52 10.27 6.27
CA LEU A 19 6.60 11.68 6.63
C LEU A 19 8.00 12.05 7.11
N ALA A 20 8.63 11.16 7.87
CA ALA A 20 10.01 11.41 8.28
C ALA A 20 10.91 11.52 7.07
N SER A 21 10.72 10.65 6.07
CA SER A 21 11.48 10.79 4.84
C SER A 21 11.22 12.15 4.18
N ALA A 22 9.94 12.53 4.06
CA ALA A 22 9.59 13.74 3.35
C ALA A 22 10.22 14.99 3.97
N ILE A 23 10.16 15.13 5.30
CA ILE A 23 10.69 16.35 5.91
C ILE A 23 12.21 16.41 5.80
N ASN A 24 12.87 15.27 5.61
CA ASN A 24 14.31 15.26 5.42
C ASN A 24 14.72 15.37 3.96
N ALA A 25 13.83 15.03 3.03
CA ALA A 25 14.15 15.14 1.62
C ALA A 25 13.93 16.55 1.09
N LYS A 26 13.04 17.33 1.71
CA LYS A 26 12.85 18.72 1.28
C LYS A 26 14.10 19.53 1.58
N THR A 27 15.22 19.13 0.99
CA THR A 27 16.51 19.80 1.14
C THR A 27 17.00 20.03 -0.28
N ARG A 28 16.43 21.05 -0.92
CA ARG A 28 16.75 21.33 -2.32
C ARG A 28 16.41 22.77 -2.68
N LYS A 30 15.45 19.44 -5.86
CA LYS A 30 15.01 18.08 -5.53
C LYS A 30 13.52 18.05 -5.25
N SER A 31 12.76 17.60 -6.26
CA SER A 31 11.33 17.43 -6.12
C SER A 31 11.01 16.10 -5.45
N VAL A 32 10.02 16.13 -4.56
CA VAL A 32 9.62 14.96 -3.79
C VAL A 32 8.10 14.84 -3.86
N ILE A 33 7.61 13.61 -4.06
CA ILE A 33 6.18 13.33 -4.03
C ILE A 33 5.97 12.25 -2.98
N VAL A 34 4.91 12.41 -2.19
CA VAL A 34 4.57 11.48 -1.12
C VAL A 34 3.19 10.90 -1.43
N PHE A 35 3.12 9.59 -1.61
CA PHE A 35 1.87 8.90 -1.85
C PHE A 35 1.33 8.34 -0.55
N GLY A 36 0.02 8.39 -0.38
CA GLY A 36 -0.59 7.80 0.80
C GLY A 36 -1.99 8.32 1.04
N SER A 37 -2.39 8.22 2.30
CA SER A 37 -3.73 8.53 2.74
C SER A 37 -3.76 9.92 3.35
N SER A 38 -4.94 10.54 3.19
CA SER A 38 -5.19 11.88 3.72
C SER A 38 -4.95 11.92 5.23
N ASP A 39 -5.35 10.86 5.93
CA ASP A 39 -5.19 10.82 7.38
C ASP A 39 -3.82 10.32 7.82
N LEU A 40 -2.86 10.18 6.89
CA LEU A 40 -1.47 9.85 7.21
C LEU A 40 -1.32 8.37 7.53
N SER A 41 -1.69 7.97 8.74
CA SER A 41 -1.64 6.56 9.09
C SER A 41 -2.87 6.17 9.93
N LYS A 42 -3.56 5.09 9.56
CA LYS A 42 -4.69 4.62 10.35
C LYS A 42 -4.25 4.19 11.77
N LYS A 43 -3.10 3.52 11.91
CA LYS A 43 -2.63 3.10 13.20
C LYS A 43 -2.40 4.29 14.14
N LEU A 44 -1.85 5.40 13.64
CA LEU A 44 -1.70 6.56 14.52
C LEU A 44 -3.04 7.02 15.12
N THR A 45 -4.09 7.09 14.29
CA THR A 45 -5.41 7.51 14.74
C THR A 45 -5.98 6.56 15.79
N LEU A 46 -5.73 5.26 15.62
CA LEU A 46 -6.29 4.27 16.54
C LEU A 46 -5.49 4.13 17.83
N ALA A 47 -4.29 4.68 17.89
CA ALA A 47 -3.47 4.50 19.07
C ALA A 47 -4.04 5.33 20.22
N PRO A 48 -4.18 4.76 21.44
N PRO A 48 -4.32 4.74 21.35
CA PRO A 48 -4.85 5.50 22.53
CA PRO A 48 -4.71 5.55 22.50
C PRO A 48 -4.01 6.51 23.32
C PRO A 48 -3.47 6.30 22.95
N VAL A 49 -3.04 6.06 24.13
CA VAL A 49 -2.01 6.90 24.72
C VAL A 49 -0.66 6.36 24.27
N ILE A 50 0.27 7.27 23.95
CA ILE A 50 1.61 6.90 23.48
C ILE A 50 2.61 7.48 24.45
N ASN A 51 3.41 6.62 25.07
CA ASN A 51 4.41 7.05 26.03
C ASN A 51 5.84 6.77 25.61
N ASN A 52 6.06 6.20 24.44
CA ASN A 52 7.41 5.86 24.00
C ASN A 52 7.80 6.62 22.74
N TYR A 53 7.21 7.77 22.49
CA TYR A 53 7.69 8.71 21.48
C TYR A 53 8.29 9.90 22.22
N LEU A 54 9.62 9.97 22.17
CA LEU A 54 10.38 10.85 23.06
C LEU A 54 10.03 12.31 22.80
N GLY A 55 9.66 13.00 23.86
CA GLY A 55 9.21 14.38 23.79
C GLY A 55 7.71 14.57 23.80
N PHE A 56 6.92 13.51 23.62
CA PHE A 56 5.46 13.59 23.57
C PHE A 56 4.82 12.66 24.59
N TYR A 57 5.35 12.59 25.80
CA TYR A 57 4.77 11.70 26.79
C TYR A 57 3.28 11.94 26.97
N GLY A 58 2.51 10.85 26.96
CA GLY A 58 1.09 10.91 27.24
C GLY A 58 0.22 11.40 26.11
N ILE A 59 0.79 11.58 24.92
CA ILE A 59 0.01 12.06 23.80
C ILE A 59 -0.92 10.97 23.28
N ARG A 60 -2.07 11.37 22.79
CA ARG A 60 -2.99 10.46 22.14
C ARG A 60 -2.63 10.34 20.66
N GLY A 61 -2.95 9.18 20.08
CA GLY A 61 -2.59 8.92 18.69
C GLY A 61 -3.07 10.01 17.74
N ALA A 62 -4.34 10.39 17.85
CA ALA A 62 -4.88 11.43 16.97
C ALA A 62 -4.24 12.80 17.24
N GLU A 63 -3.77 13.04 18.46
CA GLU A 63 -3.03 14.26 18.75
C GLU A 63 -1.68 14.25 18.05
N LEU A 64 -0.98 13.12 18.11
CA LEU A 64 0.30 13.01 17.44
C LEU A 64 0.11 13.11 15.94
N GLN A 65 -0.96 12.50 15.43
CA GLN A 65 -1.29 12.63 14.01
C GLN A 65 -1.41 14.11 13.64
N GLU A 66 -2.07 14.92 14.48
CA GLU A 66 -2.23 16.32 14.14
C GLU A 66 -0.90 17.07 14.18
N LYS A 67 -0.04 16.73 15.14
CA LYS A 67 1.28 17.34 15.15
C LYS A 67 2.03 17.01 13.87
N PHE A 68 1.89 15.78 13.37
CA PHE A 68 2.59 15.40 12.15
C PHE A 68 1.99 16.14 10.95
N LYS A 69 0.67 16.26 10.92
CA LYS A 69 0.02 17.01 9.85
CA LYS A 69 0.00 17.01 9.85
C LYS A 69 0.47 18.46 9.82
N GLU A 70 0.55 19.10 10.97
CA GLU A 70 0.95 20.49 10.99
C GLU A 70 2.40 20.65 10.55
N HIS A 71 3.24 19.68 10.88
CA HIS A 71 4.63 19.71 10.45
C HIS A 71 4.72 19.72 8.93
N ILE A 72 4.07 18.74 8.28
CA ILE A 72 4.22 18.67 6.82
C ILE A 72 3.58 19.89 6.16
N ASP A 73 2.46 20.36 6.71
CA ASP A 73 1.82 21.55 6.18
C ASP A 73 2.75 22.76 6.30
N ASN A 74 3.42 22.92 7.44
CA ASN A 74 4.37 24.01 7.58
C ASN A 74 5.50 23.92 6.56
N MET A 75 5.86 22.73 6.11
CA MET A 75 6.94 22.57 5.14
C MET A 75 6.44 22.44 3.70
N GLY A 76 5.16 22.69 3.46
CA GLY A 76 4.66 22.64 2.10
C GLY A 76 4.68 21.27 1.47
N ILE A 77 4.56 20.23 2.29
CA ILE A 77 4.52 18.85 1.83
C ILE A 77 3.07 18.43 1.78
N GLN A 78 2.61 18.00 0.62
CA GLN A 78 1.25 17.49 0.44
C GLN A 78 1.31 16.00 0.20
N ILE A 79 0.25 15.30 0.57
CA ILE A 79 0.10 13.88 0.32
C ILE A 79 -0.71 13.73 -0.96
N GLU A 80 -0.16 12.96 -1.90
CA GLU A 80 -0.90 12.57 -3.09
C GLU A 80 -1.77 11.37 -2.74
N ASN A 81 -3.09 11.59 -2.69
CA ASN A 81 -4.05 10.60 -2.17
C ASN A 81 -4.44 9.60 -3.26
N VAL A 82 -3.47 8.73 -3.60
CA VAL A 82 -3.70 7.62 -4.53
C VAL A 82 -2.99 6.39 -3.98
N LYS A 83 -3.47 5.23 -4.41
CA LYS A 83 -2.85 3.96 -4.06
C LYS A 83 -1.79 3.61 -5.10
N VAL A 84 -0.60 3.31 -4.65
CA VAL A 84 0.44 2.82 -5.56
C VAL A 84 0.25 1.32 -5.76
N ASN A 85 0.12 0.91 -7.02
CA ASN A 85 -0.11 -0.49 -7.37
C ASN A 85 1.14 -1.25 -7.77
N ASN A 86 2.10 -0.61 -8.44
CA ASN A 86 3.28 -1.31 -8.90
C ASN A 86 4.39 -0.30 -9.10
N ILE A 87 5.60 -0.73 -8.79
CA ILE A 87 6.80 0.06 -8.96
C ILE A 87 7.78 -0.80 -9.72
N TYR A 88 8.16 -0.36 -10.90
CA TYR A 88 8.98 -1.15 -11.80
C TYR A 88 10.35 -0.54 -11.82
N ALA A 89 11.32 -1.28 -11.30
CA ALA A 89 12.71 -0.85 -11.33
C ALA A 89 13.20 -0.97 -12.75
N MET A 90 13.32 0.16 -13.44
CA MET A 90 13.78 0.13 -14.82
C MET A 90 15.29 0.10 -14.91
N GLY A 91 15.99 0.28 -13.80
CA GLY A 91 17.44 0.23 -13.77
C GLY A 91 18.03 1.47 -13.15
N GLU A 92 17.81 2.61 -13.80
CA GLU A 92 18.24 3.89 -13.26
C GLU A 92 17.09 4.75 -12.76
N TYR A 93 15.83 4.33 -12.96
CA TYR A 93 14.68 5.04 -12.42
C TYR A 93 13.57 4.04 -12.14
N PHE A 94 12.44 4.58 -11.72
CA PHE A 94 11.30 3.74 -11.36
C PHE A 94 10.05 4.29 -12.01
N SER A 95 9.29 3.40 -12.63
CA SER A 95 7.96 3.72 -13.12
C SER A 95 6.95 3.33 -12.05
N ILE A 96 6.10 4.27 -11.68
CA ILE A 96 5.21 4.13 -10.53
C ILE A 96 3.78 4.17 -11.04
N MET A 97 3.08 3.04 -10.95
CA MET A 97 1.71 2.91 -11.41
C MET A 97 0.79 3.03 -10.22
N THR A 98 -0.23 3.87 -10.35
CA THR A 98 -1.13 4.14 -9.23
C THR A 98 -2.58 3.94 -9.67
N SER A 99 -3.47 4.07 -8.70
CA SER A 99 -4.90 4.02 -8.95
C SER A 99 -5.37 5.17 -9.84
N LYS A 100 -4.54 6.20 -10.06
CA LYS A 100 -4.85 7.23 -11.03
C LYS A 100 -3.69 7.33 -12.02
N ASP A 101 -2.78 8.29 -11.87
CA ASP A 101 -1.79 8.55 -12.89
C ASP A 101 -0.49 7.76 -12.66
N THR A 102 0.36 7.78 -13.67
CA THR A 102 1.66 7.11 -13.66
C THR A 102 2.74 8.15 -13.42
N TYR A 103 3.78 7.78 -12.68
CA TYR A 103 4.85 8.68 -12.34
C TYR A 103 6.19 8.01 -12.62
N GLU A 104 7.22 8.84 -12.74
CA GLU A 104 8.59 8.36 -12.78
C GLU A 104 9.36 9.05 -11.67
N ALA A 105 10.26 8.32 -11.02
CA ALA A 105 11.08 8.88 -9.96
C ALA A 105 12.48 8.29 -10.02
N SER A 106 13.47 9.11 -9.69
CA SER A 106 14.85 8.63 -9.72
C SER A 106 15.12 7.71 -8.52
N LYS A 107 14.57 8.03 -7.37
CA LYS A 107 14.74 7.24 -6.15
C LYS A 107 13.36 6.97 -5.58
N VAL A 108 13.22 5.81 -4.95
CA VAL A 108 11.96 5.42 -4.31
C VAL A 108 12.27 5.06 -2.86
N ILE A 109 11.40 5.51 -1.94
CA ILE A 109 11.47 5.11 -0.53
C ILE A 109 10.18 4.37 -0.21
N LEU A 110 10.27 3.08 0.04
CA LEU A 110 9.11 2.27 0.40
C LEU A 110 8.82 2.49 1.88
N ALA A 111 7.58 2.85 2.17
CA ALA A 111 7.17 3.19 3.53
C ALA A 111 5.74 2.77 3.76
N MET A 112 5.41 1.56 3.29
CA MET A 112 4.01 1.12 3.21
C MET A 112 3.47 0.60 4.52
N GLY A 113 4.32 0.45 5.53
CA GLY A 113 3.88 -0.13 6.79
C GLY A 113 3.85 -1.64 6.65
N MET A 114 3.33 -2.34 7.65
CA MET A 114 3.25 -3.80 7.58
C MET A 114 1.80 -4.25 7.73
N GLU A 115 1.33 -5.10 6.81
CA GLU A 115 -0.04 -5.59 6.89
C GLU A 115 -0.16 -6.57 8.04
N HIS A 116 -1.20 -6.40 8.85
CA HIS A 116 -1.40 -7.28 10.00
C HIS A 116 -2.31 -8.46 9.68
N THR A 117 -3.29 -8.29 8.80
CA THR A 117 -4.19 -9.39 8.49
C THR A 117 -3.47 -10.47 7.71
N LYS A 118 -3.87 -11.72 7.95
CA LYS A 118 -3.25 -12.85 7.28
C LYS A 118 -3.87 -13.04 5.91
N PRO A 119 -3.17 -13.73 5.00
CA PRO A 119 -3.79 -14.07 3.72
C PRO A 119 -4.88 -15.11 3.89
N LEU A 120 -5.81 -15.12 2.94
CA LEU A 120 -6.87 -16.12 2.93
C LEU A 120 -6.31 -17.47 2.51
N LYS A 121 -6.94 -18.53 2.99
CA LYS A 121 -6.58 -19.86 2.54
C LYS A 121 -6.82 -19.95 1.03
N GLY A 122 -5.82 -20.47 0.31
CA GLY A 122 -5.86 -20.55 -1.14
C GLY A 122 -5.34 -19.31 -1.84
N GLU A 123 -5.12 -18.22 -1.11
CA GLU A 123 -4.65 -16.99 -1.72
C GLU A 123 -3.28 -17.17 -2.37
N ASP A 124 -2.31 -17.69 -1.62
CA ASP A 124 -0.99 -17.92 -2.20
C ASP A 124 -1.05 -19.02 -3.27
N LYS A 125 -1.83 -20.07 -3.04
CA LYS A 125 -1.88 -21.20 -3.96
C LYS A 125 -2.32 -20.77 -5.35
N PHE A 126 -3.28 -19.84 -5.45
CA PHE A 126 -3.83 -19.47 -6.75
C PHE A 126 -3.32 -18.12 -7.24
N LEU A 127 -2.26 -17.61 -6.64
CA LEU A 127 -1.73 -16.32 -7.09
C LEU A 127 -1.23 -16.47 -8.51
N GLY A 128 -1.72 -15.60 -9.40
CA GLY A 128 -1.38 -15.73 -10.80
C GLY A 128 -2.21 -16.74 -11.55
N ARG A 129 -3.11 -17.45 -10.86
CA ARG A 129 -4.06 -18.38 -11.47
C ARG A 129 -5.48 -18.06 -11.04
N GLY A 130 -5.79 -16.77 -10.93
CA GLY A 130 -7.11 -16.30 -10.54
C GLY A 130 -7.11 -15.37 -9.35
N VAL A 131 -6.05 -15.38 -8.53
CA VAL A 131 -5.92 -14.47 -7.40
C VAL A 131 -4.95 -13.37 -7.77
N GLY A 132 -5.28 -12.13 -7.41
CA GLY A 132 -4.37 -11.02 -7.58
C GLY A 132 -4.62 -9.95 -6.54
N TYR A 133 -3.73 -8.96 -6.53
CA TYR A 133 -3.76 -7.87 -5.57
C TYR A 133 -4.11 -6.53 -6.20
N CYS A 134 -4.39 -6.49 -7.49
CA CYS A 134 -4.82 -5.27 -8.16
C CYS A 134 -5.89 -5.63 -9.18
N ALA A 135 -7.13 -5.27 -8.88
CA ALA A 135 -8.24 -5.61 -9.78
C ALA A 135 -8.21 -4.78 -11.05
N THR A 136 -8.00 -3.47 -10.93
CA THR A 136 -8.00 -2.61 -12.11
C THR A 136 -6.85 -2.97 -13.04
N CYS A 137 -5.71 -3.39 -12.49
CA CYS A 137 -4.57 -3.80 -13.30
C CYS A 137 -4.92 -4.99 -14.19
N ASP A 138 -5.63 -5.98 -13.64
CA ASP A 138 -5.94 -7.21 -14.36
C ASP A 138 -7.30 -7.19 -15.01
N ALA A 139 -7.98 -6.03 -15.01
CA ALA A 139 -9.39 -5.99 -15.40
C ALA A 139 -9.63 -6.57 -16.79
N PRO A 140 -8.85 -6.23 -17.83
CA PRO A 140 -9.16 -6.78 -19.16
C PRO A 140 -9.18 -8.29 -19.18
N LEU A 141 -8.39 -8.93 -18.32
CA LEU A 141 -8.33 -10.39 -18.27
C LEU A 141 -9.65 -10.98 -17.80
N TYR A 142 -10.48 -10.20 -17.10
CA TYR A 142 -11.74 -10.68 -16.55
C TYR A 142 -12.95 -10.10 -17.29
N LYS A 143 -12.74 -9.60 -18.50
CA LYS A 143 -13.86 -9.14 -19.30
C LYS A 143 -14.80 -10.30 -19.54
N GLY A 144 -16.09 -10.10 -19.25
CA GLY A 144 -17.08 -11.16 -19.41
C GLY A 144 -16.93 -12.32 -18.44
N LYS A 145 -16.14 -12.18 -17.38
CA LYS A 145 -15.97 -13.21 -16.38
C LYS A 145 -16.50 -12.72 -15.03
N ILE A 146 -16.54 -13.62 -14.06
CA ILE A 146 -17.03 -13.32 -12.72
C ILE A 146 -15.85 -12.93 -11.84
N VAL A 147 -15.98 -11.81 -11.13
CA VAL A 147 -14.91 -11.30 -10.29
CA VAL A 147 -14.92 -11.29 -10.29
C VAL A 147 -15.45 -11.05 -8.87
N THR A 148 -14.69 -11.50 -7.88
CA THR A 148 -14.97 -11.25 -6.48
C THR A 148 -13.85 -10.40 -5.92
N ILE A 149 -14.22 -9.30 -5.29
CA ILE A 149 -13.25 -8.42 -4.62
C ILE A 149 -13.47 -8.52 -3.13
N VAL A 150 -12.41 -8.88 -2.41
CA VAL A 150 -12.38 -8.86 -0.96
C VAL A 150 -11.69 -7.56 -0.59
N GLY A 151 -12.48 -6.60 -0.12
CA GLY A 151 -12.03 -5.22 0.04
C GLY A 151 -11.73 -4.89 1.49
N TYR A 152 -10.51 -4.41 1.74
CA TYR A 152 -10.07 -4.05 3.09
C TYR A 152 -9.96 -2.55 3.28
N ASN A 153 -10.28 -1.75 2.26
CA ASN A 153 -10.20 -0.30 2.36
C ASN A 153 -11.19 0.30 1.36
N LYS A 154 -11.30 1.64 1.37
CA LYS A 154 -12.28 2.31 0.53
C LYS A 154 -11.91 2.26 -0.95
N GLU A 155 -10.61 2.34 -1.28
CA GLU A 155 -10.20 2.26 -2.68
C GLU A 155 -10.71 1.00 -3.36
N ALA A 156 -10.87 -0.08 -2.60
CA ALA A 156 -11.35 -1.33 -3.16
C ALA A 156 -12.74 -1.18 -3.76
N GLU A 157 -13.56 -0.30 -3.17
CA GLU A 157 -14.89 -0.03 -3.71
C GLU A 157 -14.81 0.59 -5.10
N SER A 158 -13.86 1.50 -5.30
CA SER A 158 -13.68 2.08 -6.64
CA SER A 158 -13.69 2.08 -6.63
C SER A 158 -13.26 1.02 -7.64
N GLU A 159 -12.43 0.07 -7.22
CA GLU A 159 -12.01 -0.96 -8.16
C GLU A 159 -13.18 -1.85 -8.52
N ALA A 160 -14.02 -2.18 -7.54
CA ALA A 160 -15.24 -2.95 -7.84
C ALA A 160 -16.11 -2.23 -8.86
N ASN A 161 -16.29 -0.92 -8.67
CA ASN A 161 -17.12 -0.16 -9.61
C ASN A 161 -16.54 -0.21 -11.01
N TYR A 162 -15.22 -0.08 -11.13
CA TYR A 162 -14.59 -0.16 -12.44
C TYR A 162 -14.77 -1.54 -13.05
N LEU A 163 -14.58 -2.60 -12.26
CA LEU A 163 -14.69 -3.94 -12.80
C LEU A 163 -16.10 -4.23 -13.26
N ALA A 164 -17.10 -3.60 -12.67
CA ALA A 164 -18.48 -3.86 -13.07
C ALA A 164 -18.74 -3.46 -14.51
N GLU A 165 -17.86 -2.64 -15.09
CA GLU A 165 -17.99 -2.25 -16.50
C GLU A 165 -17.46 -3.31 -17.46
N LEU A 166 -16.71 -4.29 -16.98
CA LEU A 166 -16.07 -5.29 -17.82
C LEU A 166 -16.49 -6.71 -17.47
N ALA A 167 -16.58 -7.03 -16.19
CA ALA A 167 -16.92 -8.37 -15.75
C ALA A 167 -18.41 -8.64 -15.94
N SER A 168 -18.73 -9.92 -16.15
CA SER A 168 -20.14 -10.30 -16.23
C SER A 168 -20.85 -10.17 -14.90
N LYS A 169 -20.12 -10.22 -13.79
CA LYS A 169 -20.70 -10.17 -12.46
C LYS A 169 -19.58 -9.79 -11.50
N VAL A 170 -19.87 -8.84 -10.59
CA VAL A 170 -18.91 -8.40 -9.57
C VAL A 170 -19.54 -8.59 -8.19
N TYR A 171 -18.84 -9.32 -7.32
CA TYR A 171 -19.19 -9.42 -5.92
C TYR A 171 -18.19 -8.62 -5.12
N TYR A 172 -18.68 -7.92 -4.09
CA TYR A 172 -17.82 -7.18 -3.16
C TYR A 172 -18.02 -7.72 -1.75
N VAL A 173 -16.94 -8.20 -1.15
CA VAL A 173 -16.94 -8.75 0.20
C VAL A 173 -16.22 -7.75 1.10
N PRO A 174 -16.92 -6.93 1.86
CA PRO A 174 -16.23 -5.93 2.68
C PRO A 174 -15.60 -6.54 3.91
N ARG A 175 -14.42 -6.03 4.26
CA ARG A 175 -13.72 -6.46 5.47
C ARG A 175 -13.56 -5.31 6.46
N TYR A 176 -14.47 -4.35 6.39
CA TYR A 176 -14.53 -3.22 7.30
C TYR A 176 -15.99 -2.78 7.34
N LYS A 177 -16.34 -2.05 8.41
CA LYS A 177 -17.69 -1.56 8.65
C LYS A 177 -17.79 -0.13 8.13
N ASP A 178 -18.70 0.09 7.18
CA ASP A 178 -18.97 1.42 6.65
C ASP A 178 -20.20 1.29 5.76
N GLU A 179 -20.71 2.44 5.31
CA GLU A 179 -21.48 2.45 4.07
C GLU A 179 -20.54 2.28 2.90
N TYR A 180 -21.02 1.59 1.86
CA TYR A 180 -20.19 1.24 0.71
C TYR A 180 -20.73 1.94 -0.53
N GLN A 181 -19.88 2.73 -1.19
CA GLN A 181 -20.29 3.54 -2.33
C GLN A 181 -20.05 2.75 -3.61
N LEU A 182 -20.99 1.86 -3.90
CA LEU A 182 -20.90 0.92 -5.01
C LEU A 182 -22.08 1.11 -5.96
N VAL A 183 -21.81 0.97 -7.26
CA VAL A 183 -22.89 0.97 -8.24
C VAL A 183 -23.79 -0.24 -8.03
N SER A 184 -25.03 -0.12 -8.50
CA SER A 184 -26.02 -1.16 -8.25
C SER A 184 -25.63 -2.50 -8.86
N ALA A 185 -24.82 -2.49 -9.92
CA ALA A 185 -24.38 -3.74 -10.54
C ALA A 185 -23.49 -4.58 -9.63
N VAL A 186 -22.87 -3.98 -8.61
CA VAL A 186 -22.03 -4.73 -7.68
C VAL A 186 -22.90 -5.35 -6.60
N GLU A 187 -22.76 -6.67 -6.41
CA GLU A 187 -23.48 -7.36 -5.34
C GLU A 187 -22.61 -7.41 -4.08
N ILE A 188 -23.10 -6.82 -3.00
CA ILE A 188 -22.40 -6.84 -1.73
C ILE A 188 -22.69 -8.15 -1.02
N VAL A 189 -21.64 -8.81 -0.57
CA VAL A 189 -21.71 -10.12 0.07
C VAL A 189 -21.16 -9.92 1.47
N LYS A 190 -22.05 -9.68 2.44
CA LYS A 190 -21.64 -9.46 3.82
C LYS A 190 -21.49 -10.81 4.51
N ASP A 191 -20.36 -11.45 4.23
CA ASP A 191 -20.05 -12.77 4.76
C ASP A 191 -18.54 -12.82 4.94
N VAL A 192 -18.07 -13.83 5.65
CA VAL A 192 -16.65 -13.97 6.00
C VAL A 192 -15.99 -14.90 5.00
N PRO A 193 -14.96 -14.46 4.28
CA PRO A 193 -14.25 -15.39 3.40
C PRO A 193 -13.60 -16.51 4.20
N VAL A 194 -13.66 -17.73 3.65
CA VAL A 194 -13.04 -18.91 4.26
C VAL A 194 -11.88 -19.42 3.43
N GLU A 195 -12.12 -19.70 2.15
CA GLU A 195 -11.09 -20.34 1.34
C GLU A 195 -11.36 -20.10 -0.14
N ILE A 196 -10.29 -19.82 -0.87
CA ILE A 196 -10.30 -19.78 -2.33
C ILE A 196 -9.97 -21.18 -2.82
N VAL A 197 -10.82 -21.75 -3.67
CA VAL A 197 -10.66 -23.13 -4.11
C VAL A 197 -10.70 -23.22 -5.63
N GLY A 198 -10.21 -24.34 -6.13
CA GLY A 198 -10.12 -24.56 -7.56
C GLY A 198 -9.21 -25.73 -7.86
N ASP A 199 -9.17 -26.09 -9.14
CA ASP A 199 -8.29 -27.17 -9.58
C ASP A 199 -7.00 -26.57 -10.13
N LYS A 200 -6.97 -26.30 -11.44
CA LYS A 200 -5.83 -25.60 -12.02
C LYS A 200 -5.91 -24.09 -11.80
N LYS A 201 -7.11 -23.56 -11.57
CA LYS A 201 -7.31 -22.12 -11.42
C LYS A 201 -8.45 -21.88 -10.43
N VAL A 202 -8.63 -20.61 -10.04
CA VAL A 202 -9.72 -20.26 -9.15
C VAL A 202 -11.05 -20.67 -9.77
N GLU A 203 -11.88 -21.33 -8.98
CA GLU A 203 -13.24 -21.65 -9.36
C GLU A 203 -14.29 -21.09 -8.40
N LYS A 204 -13.96 -20.95 -7.13
CA LYS A 204 -14.96 -20.52 -6.17
C LYS A 204 -14.30 -19.83 -4.98
N LEU A 205 -15.04 -18.94 -4.36
CA LEU A 205 -14.71 -18.41 -3.04
C LEU A 205 -15.72 -18.98 -2.06
N LYS A 206 -15.22 -19.74 -1.07
CA LYS A 206 -16.06 -20.27 -0.02
C LYS A 206 -16.11 -19.26 1.12
N LEU A 207 -17.32 -18.96 1.58
CA LEU A 207 -17.54 -18.10 2.73
C LEU A 207 -18.30 -18.89 3.79
N LYS A 208 -18.46 -18.29 4.97
CA LYS A 208 -19.03 -19.05 6.09
C LYS A 208 -20.41 -19.60 5.77
N SER A 209 -21.24 -18.83 5.08
CA SER A 209 -22.62 -19.21 4.82
C SER A 209 -22.96 -19.31 3.35
N ARG A 210 -21.98 -19.13 2.46
CA ARG A 210 -22.25 -19.02 1.03
C ARG A 210 -20.99 -19.42 0.27
N GLU A 211 -21.17 -19.90 -0.95
CA GLU A 211 -20.07 -20.10 -1.88
C GLU A 211 -20.36 -19.34 -3.17
N LEU A 212 -19.35 -18.64 -3.68
CA LEU A 212 -19.47 -17.83 -4.89
C LEU A 212 -18.67 -18.49 -6.00
N GLU A 213 -19.36 -18.89 -7.07
CA GLU A 213 -18.67 -19.25 -8.31
C GLU A 213 -18.01 -17.99 -8.84
N THR A 214 -16.70 -18.05 -9.09
CA THR A 214 -15.99 -16.86 -9.48
C THR A 214 -14.74 -17.25 -10.25
N ASP A 215 -14.37 -16.42 -11.22
CA ASP A 215 -13.16 -16.66 -12.01
C ASP A 215 -11.96 -15.93 -11.44
N GLY A 216 -12.16 -14.81 -10.79
CA GLY A 216 -11.08 -14.10 -10.14
C GLY A 216 -11.45 -13.75 -8.71
N VAL A 217 -10.44 -13.72 -7.86
CA VAL A 217 -10.56 -13.19 -6.50
C VAL A 217 -9.44 -12.18 -6.33
N PHE A 218 -9.80 -10.93 -6.07
CA PHE A 218 -8.84 -9.89 -5.78
C PHE A 218 -8.89 -9.52 -4.31
N VAL A 219 -7.73 -9.56 -3.67
CA VAL A 219 -7.58 -9.25 -2.26
C VAL A 219 -6.96 -7.86 -2.20
N LEU A 220 -7.76 -6.86 -1.81
CA LEU A 220 -7.38 -5.44 -1.96
C LEU A 220 -7.19 -4.79 -0.60
N LYS A 221 -5.93 -4.59 -0.25
CA LYS A 221 -5.51 -3.99 1.00
C LYS A 221 -4.82 -2.66 0.68
N ASP A 222 -4.26 -2.01 1.70
CA ASP A 222 -3.62 -0.72 1.45
C ASP A 222 -2.45 -0.86 0.50
N SER A 223 -1.85 -2.03 0.48
CA SER A 223 -0.78 -2.28 -0.44
C SER A 223 -0.66 -3.76 -0.72
N ALA A 224 -0.31 -4.09 -1.96
CA ALA A 224 0.00 -5.47 -2.26
C ALA A 224 1.19 -5.90 -1.40
N PRO A 225 1.42 -7.20 -1.23
CA PRO A 225 2.64 -7.63 -0.57
C PRO A 225 3.84 -7.05 -1.28
N PRO A 226 4.91 -6.74 -0.56
CA PRO A 226 5.99 -5.94 -1.15
C PRO A 226 6.64 -6.58 -2.38
N GLU A 227 6.74 -7.91 -2.41
CA GLU A 227 7.34 -8.59 -3.55
C GLU A 227 6.44 -8.54 -4.78
N GLN A 228 5.14 -8.30 -4.60
CA GLN A 228 4.23 -8.06 -5.72
C GLN A 228 4.20 -6.59 -6.12
N LEU A 229 4.20 -5.70 -5.14
CA LEU A 229 4.25 -4.28 -5.42
C LEU A 229 5.49 -3.91 -6.22
N VAL A 230 6.64 -4.48 -5.86
CA VAL A 230 7.93 -4.14 -6.44
C VAL A 230 8.56 -5.43 -6.97
N PRO A 231 8.26 -5.83 -8.20
CA PRO A 231 8.84 -7.07 -8.71
C PRO A 231 10.36 -7.06 -8.61
N GLY A 232 10.91 -8.17 -8.12
CA GLY A 232 12.34 -8.32 -7.95
C GLY A 232 12.85 -7.90 -6.58
N LEU A 233 12.00 -7.33 -5.75
CA LEU A 233 12.43 -6.87 -4.44
C LEU A 233 12.68 -8.07 -3.52
N TYR A 234 13.76 -7.99 -2.75
CA TYR A 234 14.14 -9.06 -1.84
C TYR A 234 13.44 -8.88 -0.49
N VAL A 235 12.61 -9.87 -0.14
CA VAL A 235 11.80 -9.91 1.05
C VAL A 235 12.07 -11.23 1.73
N GLU A 236 12.09 -11.25 3.04
CA GLU A 236 12.21 -12.47 3.79
C GLU A 236 11.30 -12.36 5.00
N ASP A 237 10.44 -13.37 5.18
CA ASP A 237 9.51 -13.40 6.30
C ASP A 237 8.52 -12.23 6.24
N GLY A 238 8.16 -11.82 5.02
CA GLY A 238 7.29 -10.68 4.83
C GLY A 238 7.91 -9.34 5.11
N HIS A 239 9.19 -9.29 5.44
CA HIS A 239 9.87 -8.03 5.76
CA HIS A 239 9.86 -8.04 5.78
C HIS A 239 10.81 -7.70 4.63
N ILE A 240 10.77 -6.44 4.18
CA ILE A 240 11.74 -5.96 3.20
C ILE A 240 13.10 -5.86 3.88
N LYS A 241 14.10 -6.52 3.31
CA LYS A 241 15.43 -6.55 3.91
C LYS A 241 16.24 -5.34 3.48
N VAL A 242 16.75 -4.59 4.46
CA VAL A 242 17.55 -3.40 4.21
C VAL A 242 18.85 -3.47 5.00
N ASN A 243 19.82 -2.71 4.52
CA ASN A 243 21.08 -2.53 5.24
C ASN A 243 21.02 -1.25 6.09
N ARG A 244 22.19 -0.86 6.63
CA ARG A 244 22.26 0.25 7.54
C ARG A 244 21.91 1.57 6.87
N LYS A 245 21.98 1.64 5.55
CA LYS A 245 21.61 2.83 4.80
C LYS A 245 20.16 2.79 4.33
N MET A 246 19.39 1.77 4.76
CA MET A 246 18.02 1.56 4.34
CA MET A 246 18.02 1.55 4.36
C MET A 246 17.90 1.16 2.89
N GLU A 247 19.01 0.74 2.28
CA GLU A 247 19.01 0.28 0.90
C GLU A 247 18.43 -1.12 0.80
N THR A 248 17.55 -1.34 -0.16
CA THR A 248 17.08 -2.69 -0.49
C THR A 248 18.06 -3.32 -1.48
N ASN A 249 17.70 -4.49 -2.02
CA ASN A 249 18.51 -5.12 -3.06
C ASN A 249 18.45 -4.39 -4.39
N ILE A 250 17.53 -3.43 -4.56
CA ILE A 250 17.34 -2.73 -5.82
C ILE A 250 17.98 -1.36 -5.70
N ASP A 251 18.98 -1.08 -6.53
CA ASP A 251 19.68 0.20 -6.46
C ASP A 251 18.69 1.34 -6.61
N GLY A 252 18.81 2.36 -5.76
CA GLY A 252 17.91 3.50 -5.79
C GLY A 252 16.59 3.30 -5.07
N CYS A 253 16.34 2.12 -4.54
CA CYS A 253 15.12 1.81 -3.81
C CYS A 253 15.48 1.52 -2.37
N TYR A 254 14.92 2.33 -1.47
CA TYR A 254 15.12 2.24 -0.02
C TYR A 254 13.81 1.77 0.62
N ALA A 255 13.88 1.42 1.90
CA ALA A 255 12.66 1.07 2.63
C ALA A 255 12.82 1.52 4.08
N ALA A 256 11.70 1.87 4.70
CA ALA A 256 11.72 2.44 6.05
C ALA A 256 10.41 2.16 6.76
N GLY A 257 10.52 1.90 8.07
CA GLY A 257 9.39 1.71 8.93
C GLY A 257 8.97 0.27 9.11
N ASP A 258 7.69 0.06 9.41
CA ASP A 258 7.24 -1.29 9.72
C ASP A 258 7.50 -2.25 8.56
N CYS A 259 7.53 -1.74 7.33
CA CYS A 259 7.77 -2.61 6.18
C CYS A 259 9.14 -3.26 6.18
N THR A 260 10.07 -2.75 6.98
CA THR A 260 11.40 -3.35 7.10
C THR A 260 11.58 -4.42 8.21
N GLY A 261 10.57 -4.74 9.04
CA GLY A 261 10.75 -5.72 10.09
C GLY A 261 10.46 -5.16 11.45
N LYS A 262 10.49 -6.03 12.45
CA LYS A 262 10.22 -5.64 13.84
C LYS A 262 11.40 -4.86 14.43
N PRO A 263 11.17 -4.10 15.52
CA PRO A 263 9.97 -3.73 16.28
C PRO A 263 9.08 -2.77 15.50
N TYR A 264 7.76 -2.93 15.57
CA TYR A 264 6.86 -2.02 14.88
C TYR A 264 6.58 -0.85 15.83
N GLN A 265 7.45 0.14 15.80
CA GLN A 265 7.34 1.31 16.68
C GLN A 265 7.55 2.61 15.91
N TYR A 266 7.00 3.71 16.43
CA TYR A 266 7.16 5.01 15.78
C TYR A 266 8.58 5.56 15.67
N MET A 267 9.37 5.49 16.74
CA MET A 267 10.72 6.03 16.70
C MET A 267 11.61 5.29 15.70
N LYS A 268 11.53 3.97 15.70
CA LYS A 268 12.24 3.20 14.68
C LYS A 268 11.84 3.66 13.29
N ALA A 269 10.53 3.80 13.07
CA ALA A 269 10.06 4.19 11.75
C ALA A 269 10.57 5.56 11.32
N VAL A 270 10.51 6.57 12.20
CA VAL A 270 10.93 7.90 11.77
C VAL A 270 12.45 7.95 11.57
N GLY A 271 13.18 7.22 12.40
CA GLY A 271 14.62 7.14 12.18
C GLY A 271 14.99 6.52 10.84
N GLU A 272 14.35 5.41 10.50
CA GLU A 272 14.57 4.78 9.21
C GLU A 272 14.16 5.70 8.05
N GLY A 273 13.04 6.39 8.17
CA GLY A 273 12.66 7.30 7.09
C GLY A 273 13.70 8.39 6.89
N GLN A 274 14.22 8.93 7.99
CA GLN A 274 15.25 9.95 7.89
C GLN A 274 16.49 9.42 7.18
N VAL A 275 16.97 8.24 7.60
CA VAL A 275 18.19 7.66 7.01
C VAL A 275 17.99 7.41 5.52
N ALA A 276 16.84 6.85 5.16
CA ALA A 276 16.57 6.57 3.75
C ALA A 276 16.61 7.85 2.92
N ALA A 277 15.91 8.89 3.39
CA ALA A 277 15.84 10.14 2.63
C ALA A 277 17.20 10.81 2.49
N LEU A 278 17.97 10.89 3.58
CA LEU A 278 19.27 11.56 3.50
C LEU A 278 20.22 10.81 2.59
N ASN A 279 20.13 9.48 2.57
CA ASN A 279 20.96 8.69 1.67
C ASN A 279 20.50 8.87 0.23
N ALA A 280 19.18 8.87 0.00
CA ALA A 280 18.67 9.08 -1.35
C ALA A 280 19.10 10.44 -1.88
N VAL A 281 19.02 11.48 -1.05
CA VAL A 281 19.42 12.82 -1.48
C VAL A 281 20.90 12.85 -1.82
N GLU A 282 21.71 12.20 -0.98
CA GLU A 282 23.15 12.16 -1.23
C GLU A 282 23.43 11.56 -2.59
N LYS A 283 22.77 10.44 -2.91
CA LYS A 283 22.98 9.79 -4.19
C LYS A 283 22.54 10.67 -5.36
N LEU A 284 21.52 11.50 -5.17
CA LEU A 284 21.07 12.40 -6.24
C LEU A 284 22.11 13.48 -6.51
N TYR A 285 22.79 13.96 -5.48
CA TYR A 285 23.78 15.01 -5.67
C TYR A 285 25.11 14.46 -6.17
N THR A 286 25.41 13.19 -5.89
CA THR A 286 26.65 12.58 -6.38
C THR A 286 26.46 11.88 -7.72
N LYS A 287 25.22 11.61 -8.12
CA LYS A 287 24.96 10.91 -9.38
C LYS A 287 25.61 9.53 -9.42
PA FAD B . 2.09 2.95 8.76
O1A FAD B . 1.90 3.73 10.02
O2A FAD B . 1.26 1.71 8.52
O5B FAD B . 1.88 3.94 7.50
C5B FAD B . 1.57 3.40 6.22
C4B FAD B . 0.77 4.41 5.42
O4B FAD B . 1.11 4.32 4.04
C3B FAD B . -0.72 4.14 5.53
O3B FAD B . -1.44 5.36 5.71
C2B FAD B . -1.09 3.49 4.22
O2B FAD B . -2.43 3.80 3.81
C1B FAD B . -0.06 4.04 3.26
N9A FAD B . 0.24 3.07 2.19
C8A FAD B . 0.69 1.81 2.36
N7A FAD B . 0.85 1.21 1.15
C5A FAD B . 0.52 2.09 0.20
C6A FAD B . 0.47 2.11 -1.28
N6A FAD B . 0.83 1.01 -2.00
N1A FAD B . 0.07 3.24 -1.88
C2A FAD B . -0.28 4.34 -1.19
N3A FAD B . -0.26 4.39 0.16
C4A FAD B . 0.13 3.32 0.88
N1 FAD B . 4.10 2.25 18.15
C2 FAD B . 4.76 2.87 19.15
O2 FAD B . 5.98 3.09 19.01
N3 FAD B . 4.17 3.27 20.29
C4 FAD B . 2.86 3.07 20.51
O4 FAD B . 2.33 3.44 21.57
C4X FAD B . 2.07 2.39 19.47
N5 FAD B . 0.75 2.15 19.62
C5X FAD B . 0.03 1.53 18.65
C6 FAD B . -1.33 1.31 18.83
C7 FAD B . -2.06 0.67 17.84
C7M FAD B . -3.54 0.43 18.04
C8 FAD B . -1.40 0.24 16.59
C8M FAD B . -2.20 -0.46 15.51
C9 FAD B . -0.05 0.46 16.40
C9A FAD B . 0.70 1.09 17.39
N10 FAD B . 2.07 1.32 17.21
C10 FAD B . 2.78 1.99 18.23
C1' FAD B . 2.75 0.92 15.98
C2' FAD B . 3.01 2.13 15.10
O2' FAD B . 1.75 2.71 14.74
C3' FAD B . 3.77 1.74 13.84
O3' FAD B . 5.05 1.20 14.19
C4' FAD B . 3.97 2.94 12.93
O4' FAD B . 2.69 3.48 12.57
C5' FAD B . 4.74 2.55 11.68
O5' FAD B . 4.54 3.56 10.70
P FAD B . 4.91 3.33 9.15
O1P FAD B . 4.96 4.67 8.48
O2P FAD B . 6.08 2.38 9.02
O3P FAD B . 3.63 2.51 8.61
H51A FAD B . 1.01 2.48 6.33
H52A FAD B . 2.50 3.16 5.69
H4B FAD B . 0.98 5.43 5.80
H3B FAD B . -0.91 3.45 6.37
HO3A FAD B . -2.40 5.17 5.72
H2B FAD B . -0.96 2.40 4.31
HO2A FAD B . -3.05 3.40 4.42
H1B FAD B . -0.44 4.98 2.82
H8A FAD B . 0.87 1.34 3.32
H61A FAD B . 1.13 0.17 -1.52
H62A FAD B . 0.79 1.04 -3.00
H2A FAD B . -0.60 5.22 -1.74
HN3 FAD B . 4.74 3.74 21.02
H6 FAD B . -1.81 1.62 19.75
HM71 FAD B . -4.09 1.25 17.67
HM72 FAD B . -3.74 0.30 19.08
HM73 FAD B . -3.82 -0.45 17.52
HM81 FAD B . -2.19 -1.51 15.68
HM82 FAD B . -3.20 -0.10 15.53
HM83 FAD B . -1.77 -0.24 14.56
H9 FAD B . 0.43 0.14 15.49
H1'1 FAD B . 2.16 0.19 15.43
H1'2 FAD B . 3.71 0.44 16.23
H2' FAD B . 3.61 2.86 15.67
HO2' FAD B . 1.23 2.06 14.25
H3' FAD B . 3.18 0.99 13.30
H4' FAD B . 4.55 3.70 13.48
HO4' FAD B . 2.19 2.82 12.08
H5'1 FAD B . 4.37 1.59 11.31
H5'2 FAD B . 5.80 2.45 11.91
C1 PGE C . -9.63 6.22 -0.87
O1 PGE C . -10.79 6.53 -1.66
C2 PGE C . -8.38 6.28 -1.75
O2 PGE C . -7.23 6.04 -0.95
C3 PGE C . -6.02 6.23 -1.69
C4 PGE C . -4.83 6.15 -0.74
O4 PGE C . -3.55 2.42 -0.22
C6 PGE C . -3.51 3.18 0.99
C5 PGE C . -3.64 4.67 0.66
O3 PGE C . -4.81 4.88 -0.12
H1 PGE C . -9.54 6.94 -0.06
H12 PGE C . -9.73 5.22 -0.44
HO1 PGE C . -11.58 6.48 -1.10
H2 PGE C . -8.45 5.54 -2.54
H22 PGE C . -8.31 7.27 -2.22
H3 PGE C . -5.93 5.46 -2.46
H32 PGE C . -6.03 7.21 -2.18
H4 PGE C . -3.90 6.31 -1.29
H42 PGE C . -4.92 6.93 0.03
HO4 PGE C . -3.46 1.49 -0.02
H6 PGE C . -4.32 2.87 1.65
H62 PGE C . -2.55 3.00 1.50
H5 PGE C . -2.76 5.00 0.10
H52 PGE C . -3.69 5.25 1.58
C1 PGE D . 0.40 21.78 17.29
O1 PGE D . 1.66 21.15 17.56
C2 PGE D . -0.68 20.72 17.09
O2 PGE D . -0.90 20.03 18.30
C3 PGE D . -2.19 19.42 18.33
C4 PGE D . -2.14 18.15 19.17
O4 PGE D . -0.39 18.57 22.79
C6 PGE D . -1.19 17.39 22.61
C5 PGE D . -2.18 17.57 21.47
O3 PGE D . -1.67 18.47 20.48
H1 PGE D . 0.12 22.43 18.12
H12 PGE D . 0.49 22.39 16.39
HO1 PGE D . 2.32 21.83 17.71
H2 PGE D . -1.59 21.19 16.74
H22 PGE D . -0.35 20.00 16.31
H3 PGE D . -2.93 20.11 18.74
H32 PGE D . -2.49 19.16 17.30
H4 PGE D . -3.13 17.70 19.23
H42 PGE D . -1.46 17.43 18.71
HO4 PGE D . -0.07 18.61 23.70
H6 PGE D . -0.52 16.54 22.40
H62 PGE D . -1.72 17.17 23.54
H5 PGE D . -3.12 17.96 21.87
H52 PGE D . -2.38 16.60 21.01
C1 PEG E . -23.39 -0.67 11.94
O1 PEG E . -23.08 0.11 13.11
C2 PEG E . -23.15 -2.14 12.22
O2 PEG E . -23.23 -2.87 10.99
C3 PEG E . -23.06 -4.27 11.21
C4 PEG E . -23.28 -5.02 9.90
O4 PEG E . -22.18 -4.76 9.01
H11 PEG E . -22.75 -0.33 11.12
H12 PEG E . -24.43 -0.51 11.64
HO1 PEG E . -23.24 1.05 12.93
H21 PEG E . -22.16 -2.27 12.67
H22 PEG E . -23.90 -2.50 12.92
H31 PEG E . -22.06 -4.47 11.59
H32 PEG E . -23.79 -4.62 11.95
H41 PEG E . -23.33 -6.09 10.09
H42 PEG E . -24.20 -4.69 9.44
HO4 PEG E . -22.32 -5.23 8.18
C1 PEG F . -10.55 0.33 6.45
O1 PEG F . -10.18 0.50 7.83
C2 PEG F . -11.41 1.52 6.01
O2 PEG F . -12.55 1.63 6.85
C3 PEG F . -13.33 2.78 6.53
C4 PEG F . -14.53 2.86 7.48
O4 PEG F . -14.06 3.07 8.81
H11 PEG F . -11.11 -0.59 6.33
H12 PEG F . -9.65 0.28 5.83
HO1 PEG F . -9.64 -0.25 8.11
H21 PEG F . -10.82 2.43 6.06
H22 PEG F . -11.72 1.37 4.97
H31 PEG F . -12.72 3.69 6.63
H32 PEG F . -13.68 2.71 5.51
H41 PEG F . -15.17 3.69 7.18
H42 PEG F . -15.10 1.94 7.43
HO4 PEG F . -14.83 3.12 9.42
C1 PEG G . 20.44 -4.35 0.98
O1 PEG G . 21.69 -4.70 0.37
C2 PEG G . 19.98 -5.50 1.87
O2 PEG G . 21.01 -5.85 2.78
C3 PEG G . 20.55 -6.73 3.80
C4 PEG G . 21.74 -7.35 4.53
O4 PEG G . 22.51 -6.31 5.15
H11 PEG G . 20.57 -3.45 1.58
H12 PEG G . 19.69 -4.15 0.21
HO1 PEG G . 21.99 -3.97 -0.19
H21 PEG G . 19.08 -5.18 2.42
H22 PEG G . 19.71 -6.36 1.26
H31 PEG G . 19.91 -6.20 4.50
H32 PEG G . 19.95 -7.54 3.35
H41 PEG G . 21.38 -8.04 5.29
H42 PEG G . 22.36 -7.90 3.83
HO4 PEG G . 23.27 -6.70 5.60
C ACT H . -8.67 4.82 20.37
O ACT H . -7.56 5.38 20.44
OXT ACT H . -9.52 5.14 19.51
CH3 ACT H . -9.00 3.74 21.35
H1 ACT H . -8.69 2.80 20.96
H2 ACT H . -8.51 3.92 22.27
H3 ACT H . -10.05 3.72 21.52
C ACT I . -16.19 -6.48 8.88
O ACT I . -16.14 -5.69 9.84
OXT ACT I . -15.24 -7.25 8.61
CH3 ACT I . -17.39 -6.47 7.98
H1 ACT I . -17.27 -5.75 7.22
H2 ACT I . -18.25 -6.23 8.57
H3 ACT I . -17.52 -7.44 7.56
#